data_5CFE
#
_entry.id   5CFE
#
_cell.length_a   52.280
_cell.length_b   61.920
_cell.length_c   73.360
_cell.angle_alpha   90.00
_cell.angle_beta   90.00
_cell.angle_gamma   90.00
#
_symmetry.space_group_name_H-M   'P 21 21 21'
#
loop_
_entity.id
_entity.type
_entity.pdbx_description
1 polymer Exodeoxyribonuclease
2 non-polymer 'CALCIUM ION'
3 non-polymer DI(HYDROXYETHYL)ETHER
4 water water
#
_entity_poly.entity_id   1
_entity_poly.type   'polypeptide(L)'
_entity_poly.pdbx_seq_one_letter_code
;MKLISWNVNGLRAVMRKMDFLSYLKEEDADIICLQETKIQDGQVDLQPEDYHVYWNYAVKKGYSGTAVFSKQEPLQVIYG
IGVEEHDQEGRVITLEFENVFVMTVYTPNSRRGLERIDYRMQWEEALLSYILELDQKKPVILCGDLNVAHQEIDLKNPKA
NRNNAGFSDQEREAFTRFLEAGFVDSFRHVYPDLEGAYSWWSYRAGARDRNIGWRIDYFVVSESLKEQIEDASISADVMG
SDHCPVELIINI
;
_entity_poly.pdbx_strand_id   A
#
loop_
_chem_comp.id
_chem_comp.type
_chem_comp.name
_chem_comp.formula
CA non-polymer 'CALCIUM ION' 'Ca 2'
PEG non-polymer DI(HYDROXYETHYL)ETHER 'C4 H10 O3'
#
# COMPACT_ATOMS: atom_id res chain seq x y z
N MET A 1 -16.70 4.52 -5.52
CA MET A 1 -16.37 3.87 -4.26
C MET A 1 -15.18 4.52 -3.56
N LYS A 2 -15.13 4.42 -2.23
CA LYS A 2 -14.09 5.05 -1.42
C LYS A 2 -13.17 3.97 -0.85
N LEU A 3 -11.87 4.11 -1.13
CA LEU A 3 -10.86 3.16 -0.67
C LEU A 3 -9.79 3.88 0.14
N ILE A 4 -9.33 3.24 1.21
CA ILE A 4 -8.27 3.76 2.08
C ILE A 4 -7.16 2.71 2.20
N SER A 5 -5.90 3.15 2.18
CA SER A 5 -4.77 2.27 2.37
C SER A 5 -3.87 2.85 3.47
N TRP A 6 -3.42 2.01 4.42
CA TRP A 6 -2.60 2.52 5.52
C TRP A 6 -1.62 1.52 6.05
N ASN A 7 -0.32 1.90 6.06
CA ASN A 7 0.66 1.08 6.73
C ASN A 7 0.57 1.55 8.20
N VAL A 8 0.06 0.67 9.06
CA VAL A 8 -0.23 0.94 10.46
C VAL A 8 0.95 0.75 11.41
N ASN A 9 2.09 0.21 10.91
CA ASN A 9 3.28 -0.08 11.73
C ASN A 9 2.92 -0.97 12.94
N GLY A 10 2.10 -1.97 12.69
CA GLY A 10 1.63 -2.87 13.74
C GLY A 10 0.23 -2.51 14.18
N LEU A 11 -0.71 -3.46 14.00
CA LEU A 11 -2.12 -3.26 14.36
C LEU A 11 -2.28 -3.01 15.86
N ARG A 12 -1.55 -3.74 16.70
CA ARG A 12 -1.60 -3.57 18.16
C ARG A 12 -1.08 -2.17 18.52
N ALA A 13 0.05 -1.73 17.89
CA ALA A 13 0.63 -0.41 18.13
C ALA A 13 -0.31 0.71 17.72
N VAL A 14 -0.91 0.63 16.51
CA VAL A 14 -1.82 1.68 16.01
C VAL A 14 -3.04 1.82 16.92
N MET A 15 -3.59 0.68 17.38
CA MET A 15 -4.77 0.64 18.24
C MET A 15 -4.50 1.14 19.64
N ARG A 16 -3.22 1.10 20.08
CA ARG A 16 -2.82 1.65 21.40
C ARG A 16 -2.73 3.18 21.28
N LYS A 17 -2.36 3.68 20.10
CA LYS A 17 -2.15 5.11 19.87
C LYS A 17 -3.36 5.88 19.40
N MET A 18 -4.30 5.22 18.74
CA MET A 18 -5.50 5.88 18.24
C MET A 18 -6.70 4.96 18.28
N ASP A 19 -7.90 5.55 18.29
CA ASP A 19 -9.11 4.74 18.32
C ASP A 19 -9.44 4.31 16.90
N PHE A 20 -8.90 3.14 16.51
CA PHE A 20 -9.03 2.58 15.17
C PHE A 20 -10.46 2.25 14.74
N LEU A 21 -11.26 1.67 15.63
CA LEU A 21 -12.67 1.34 15.36
C LEU A 21 -13.49 2.63 15.07
N SER A 22 -13.24 3.69 15.84
CA SER A 22 -13.88 5.01 15.66
C SER A 22 -13.48 5.62 14.32
N TYR A 23 -12.19 5.45 13.92
CA TYR A 23 -11.62 5.93 12.67
C TYR A 23 -12.35 5.35 11.48
N LEU A 24 -12.56 4.01 11.48
CA LEU A 24 -13.29 3.29 10.44
C LEU A 24 -14.73 3.82 10.30
N LYS A 25 -15.39 4.10 11.45
CA LYS A 25 -16.76 4.61 11.47
C LYS A 25 -16.79 6.00 10.84
N GLU A 26 -15.85 6.87 11.26
CA GLU A 26 -15.72 8.25 10.76
C GLU A 26 -15.59 8.29 9.24
N GLU A 27 -14.60 7.58 8.68
CA GLU A 27 -14.31 7.56 7.24
C GLU A 27 -15.37 6.84 6.42
N ASP A 28 -15.95 5.76 6.99
CA ASP A 28 -17.01 4.96 6.36
C ASP A 28 -16.65 4.60 4.89
N ALA A 29 -15.40 4.15 4.67
CA ALA A 29 -14.90 3.77 3.36
C ALA A 29 -15.50 2.44 2.93
N ASP A 30 -15.54 2.18 1.62
CA ASP A 30 -16.05 0.90 1.10
C ASP A 30 -15.05 -0.19 1.30
N ILE A 31 -13.76 0.13 1.12
CA ILE A 31 -12.65 -0.81 1.29
C ILE A 31 -11.52 -0.13 2.06
N ILE A 32 -10.97 -0.82 3.04
CA ILE A 32 -9.82 -0.35 3.77
C ILE A 32 -8.73 -1.43 3.79
N CYS A 33 -7.54 -1.08 3.30
CA CYS A 33 -6.40 -2.00 3.26
C CYS A 33 -5.34 -1.60 4.26
N LEU A 34 -4.86 -2.56 5.06
CA LEU A 34 -3.78 -2.29 6.02
C LEU A 34 -2.54 -3.08 5.66
N GLN A 35 -1.37 -2.50 5.92
CA GLN A 35 -0.09 -3.17 5.71
C GLN A 35 0.66 -3.13 7.02
N GLU A 36 1.54 -4.14 7.23
CA GLU A 36 2.37 -4.27 8.44
C GLU A 36 1.48 -4.40 9.68
N THR A 37 0.54 -5.37 9.64
CA THR A 37 -0.35 -5.63 10.77
C THR A 37 0.47 -6.21 11.95
N LYS A 38 1.57 -6.94 11.64
CA LYS A 38 2.49 -7.58 12.60
C LYS A 38 1.78 -8.56 13.54
N ILE A 39 0.71 -9.20 13.07
CA ILE A 39 -0.05 -10.15 13.89
C ILE A 39 -0.21 -11.53 13.25
N GLN A 40 -0.59 -12.51 14.08
CA GLN A 40 -0.90 -13.89 13.75
C GLN A 40 -2.35 -14.12 14.26
N ASP A 41 -2.82 -15.39 14.30
CA ASP A 41 -4.14 -15.84 14.81
C ASP A 41 -5.29 -14.76 15.00
N GLY A 42 -5.78 -14.38 16.21
CA GLY A 42 -5.48 -14.85 17.56
C GLY A 42 -4.54 -13.98 18.37
N GLN A 43 -4.46 -12.67 18.05
CA GLN A 43 -3.59 -11.71 18.74
C GLN A 43 -4.35 -10.43 19.11
N VAL A 44 -5.25 -9.98 18.22
CA VAL A 44 -6.05 -8.77 18.43
C VAL A 44 -7.52 -8.99 18.04
N ASP A 45 -8.42 -8.25 18.69
CA ASP A 45 -9.84 -8.30 18.41
C ASP A 45 -10.20 -7.21 17.40
N LEU A 46 -10.35 -7.61 16.15
CA LEU A 46 -10.76 -6.71 15.09
C LEU A 46 -11.81 -7.38 14.23
N GLN A 47 -13.05 -7.31 14.72
CA GLN A 47 -14.27 -7.85 14.12
C GLN A 47 -15.23 -6.65 14.02
N PRO A 48 -14.98 -5.64 13.15
CA PRO A 48 -15.90 -4.50 13.11
C PRO A 48 -17.18 -4.82 12.37
N GLU A 49 -18.28 -4.22 12.81
CA GLU A 49 -19.55 -4.38 12.10
C GLU A 49 -19.44 -3.54 10.85
N ASP A 50 -20.13 -3.96 9.79
CA ASP A 50 -20.17 -3.35 8.45
C ASP A 50 -19.10 -3.89 7.51
N TYR A 51 -18.10 -4.63 8.02
CA TYR A 51 -17.02 -5.14 7.16
C TYR A 51 -16.75 -6.63 7.16
N HIS A 52 -16.52 -7.18 5.97
CA HIS A 52 -16.01 -8.52 5.80
C HIS A 52 -14.51 -8.26 5.96
N VAL A 53 -13.80 -9.05 6.78
CA VAL A 53 -12.36 -8.81 6.99
C VAL A 53 -11.56 -10.00 6.52
N TYR A 54 -10.44 -9.75 5.79
CA TYR A 54 -9.54 -10.78 5.27
C TYR A 54 -8.15 -10.48 5.74
N TRP A 55 -7.48 -11.51 6.28
CA TRP A 55 -6.16 -11.37 6.87
C TRP A 55 -5.13 -12.23 6.19
N ASN A 56 -3.92 -11.70 6.07
CA ASN A 56 -2.80 -12.48 5.57
C ASN A 56 -1.66 -12.31 6.54
N TYR A 57 -1.25 -13.42 7.14
CA TYR A 57 -0.20 -13.40 8.16
C TYR A 57 1.12 -13.92 7.62
N ALA A 58 2.23 -13.36 8.12
CA ALA A 58 3.58 -13.86 7.86
C ALA A 58 3.81 -15.08 8.74
N VAL A 59 4.70 -15.98 8.33
CA VAL A 59 5.06 -17.14 9.12
C VAL A 59 5.87 -16.68 10.36
N LYS A 60 6.73 -15.65 10.20
CA LYS A 60 7.53 -15.06 11.29
C LYS A 60 6.64 -14.11 12.11
N LYS A 61 6.69 -14.22 13.46
CA LYS A 61 5.89 -13.37 14.37
C LYS A 61 6.33 -11.89 14.43
N GLY A 62 5.35 -11.01 14.69
CA GLY A 62 5.55 -9.56 14.83
C GLY A 62 6.15 -8.91 13.60
N TYR A 63 5.84 -9.48 12.44
CA TYR A 63 6.46 -9.02 11.21
C TYR A 63 5.47 -9.03 10.07
N SER A 64 5.52 -7.97 9.24
CA SER A 64 4.75 -7.83 8.00
C SER A 64 3.25 -8.10 8.22
N GLY A 65 2.58 -8.72 7.24
CA GLY A 65 1.16 -9.02 7.37
C GLY A 65 0.28 -7.94 6.78
N THR A 66 -0.86 -8.33 6.20
CA THR A 66 -1.79 -7.39 5.58
C THR A 66 -3.23 -7.74 5.92
N ALA A 67 -4.14 -6.80 5.65
CA ALA A 67 -5.57 -7.01 5.87
C ALA A 67 -6.35 -6.18 4.88
N VAL A 68 -7.54 -6.68 4.52
CA VAL A 68 -8.47 -5.96 3.66
C VAL A 68 -9.83 -6.03 4.36
N PHE A 69 -10.46 -4.87 4.54
CA PHE A 69 -11.80 -4.69 5.13
C PHE A 69 -12.68 -4.29 3.97
N SER A 70 -13.79 -5.00 3.74
CA SER A 70 -14.67 -4.66 2.63
C SER A 70 -16.13 -4.73 3.04
N LYS A 71 -16.89 -3.66 2.76
CA LYS A 71 -18.35 -3.61 3.04
C LYS A 71 -19.07 -4.67 2.22
N GLN A 72 -18.74 -4.75 0.92
CA GLN A 72 -19.34 -5.73 0.01
C GLN A 72 -18.52 -7.02 0.07
N GLU A 73 -19.20 -8.18 0.09
CA GLU A 73 -18.48 -9.44 0.07
C GLU A 73 -17.93 -9.68 -1.34
N PRO A 74 -16.61 -9.95 -1.50
CA PRO A 74 -16.07 -10.22 -2.84
C PRO A 74 -16.48 -11.61 -3.36
N LEU A 75 -16.29 -11.88 -4.66
CA LEU A 75 -16.59 -13.19 -5.27
C LEU A 75 -15.58 -14.24 -4.82
N GLN A 76 -14.33 -13.81 -4.55
CA GLN A 76 -13.20 -14.64 -4.17
C GLN A 76 -12.16 -13.78 -3.50
N VAL A 77 -11.33 -14.40 -2.65
CA VAL A 77 -10.18 -13.76 -1.99
C VAL A 77 -8.98 -14.66 -2.30
N ILE A 78 -7.86 -14.06 -2.74
CA ILE A 78 -6.64 -14.79 -3.11
C ILE A 78 -5.52 -14.27 -2.21
N TYR A 79 -4.84 -15.18 -1.52
CA TYR A 79 -3.74 -14.82 -0.62
C TYR A 79 -2.41 -15.12 -1.28
N GLY A 80 -1.58 -14.11 -1.42
CA GLY A 80 -0.28 -14.25 -2.07
C GLY A 80 -0.40 -14.46 -3.57
N ILE A 81 0.67 -14.92 -4.20
CA ILE A 81 0.73 -15.07 -5.66
C ILE A 81 0.92 -16.51 -6.21
N GLY A 82 1.08 -17.48 -5.31
CA GLY A 82 1.28 -18.86 -5.75
C GLY A 82 2.71 -19.19 -6.08
N VAL A 83 3.68 -18.57 -5.36
CA VAL A 83 5.12 -18.84 -5.48
C VAL A 83 5.60 -18.93 -4.03
N GLU A 84 6.12 -20.10 -3.58
CA GLU A 84 6.54 -20.28 -2.18
C GLU A 84 7.40 -19.14 -1.66
N GLU A 85 8.47 -18.78 -2.41
CA GLU A 85 9.41 -17.74 -1.96
C GLU A 85 8.77 -16.38 -1.71
N HIS A 86 7.65 -16.06 -2.39
CA HIS A 86 7.01 -14.75 -2.24
C HIS A 86 5.78 -14.77 -1.36
N ASP A 87 5.44 -15.94 -0.80
CA ASP A 87 4.22 -16.13 -0.03
C ASP A 87 4.44 -16.48 1.43
N GLN A 88 5.62 -16.14 2.00
CA GLN A 88 5.95 -16.47 3.41
C GLN A 88 5.72 -15.31 4.35
N GLU A 89 5.43 -14.14 3.79
CA GLU A 89 5.37 -12.91 4.57
C GLU A 89 4.05 -12.16 4.66
N GLY A 90 2.93 -12.81 4.28
CA GLY A 90 1.59 -12.20 4.34
C GLY A 90 1.50 -10.83 3.70
N ARG A 91 2.12 -10.67 2.53
CA ARG A 91 2.27 -9.39 1.86
C ARG A 91 1.20 -9.01 0.86
N VAL A 92 0.50 -10.01 0.27
CA VAL A 92 -0.46 -9.70 -0.80
C VAL A 92 -1.83 -10.32 -0.52
N ILE A 93 -2.91 -9.55 -0.73
CA ILE A 93 -4.30 -10.03 -0.66
C ILE A 93 -4.98 -9.44 -1.90
N THR A 94 -5.70 -10.28 -2.67
CA THR A 94 -6.43 -9.84 -3.86
C THR A 94 -7.90 -10.21 -3.66
N LEU A 95 -8.78 -9.22 -3.83
CA LEU A 95 -10.23 -9.38 -3.76
C LEU A 95 -10.78 -9.28 -5.18
N GLU A 96 -11.59 -10.27 -5.57
CA GLU A 96 -12.23 -10.27 -6.88
C GLU A 96 -13.66 -9.81 -6.77
N PHE A 97 -14.01 -8.74 -7.51
CA PHE A 97 -15.40 -8.27 -7.59
C PHE A 97 -15.86 -8.54 -9.02
N GLU A 98 -17.13 -8.29 -9.34
CA GLU A 98 -17.64 -8.55 -10.68
C GLU A 98 -16.81 -7.89 -11.78
N ASN A 99 -16.47 -6.62 -11.58
CA ASN A 99 -15.85 -5.79 -12.62
C ASN A 99 -14.46 -5.29 -12.34
N VAL A 100 -13.87 -5.70 -11.22
CA VAL A 100 -12.55 -5.18 -10.84
C VAL A 100 -11.89 -6.10 -9.83
N PHE A 101 -10.55 -6.08 -9.79
CA PHE A 101 -9.80 -6.74 -8.72
C PHE A 101 -9.32 -5.62 -7.81
N VAL A 102 -9.39 -5.84 -6.50
CA VAL A 102 -8.89 -4.84 -5.52
C VAL A 102 -7.84 -5.56 -4.74
N MET A 103 -6.60 -5.10 -4.85
CA MET A 103 -5.52 -5.77 -4.13
C MET A 103 -4.68 -4.86 -3.24
N THR A 104 -4.17 -5.43 -2.14
CA THR A 104 -3.24 -4.68 -1.31
C THR A 104 -1.89 -5.36 -1.31
N VAL A 105 -0.82 -4.55 -1.21
CA VAL A 105 0.55 -5.03 -1.22
C VAL A 105 1.38 -4.33 -0.18
N TYR A 106 2.17 -5.10 0.57
CA TYR A 106 3.18 -4.55 1.45
C TYR A 106 4.51 -5.03 0.83
N THR A 107 5.14 -4.18 0.00
CA THR A 107 6.36 -4.51 -0.73
C THR A 107 7.54 -4.81 0.21
N PRO A 108 8.34 -5.89 -0.04
CA PRO A 108 9.55 -6.11 0.76
C PRO A 108 10.53 -4.96 0.64
N ASN A 109 11.02 -4.51 1.78
CA ASN A 109 12.00 -3.43 1.89
C ASN A 109 13.35 -3.93 1.35
N SER A 110 14.10 -3.06 0.65
CA SER A 110 15.42 -3.46 0.11
C SER A 110 16.49 -3.54 1.19
N ARG A 111 16.17 -3.06 2.40
CA ARG A 111 17.01 -3.07 3.60
C ARG A 111 18.14 -2.07 3.53
N ARG A 112 18.74 -1.76 4.69
CA ARG A 112 19.85 -0.82 4.82
C ARG A 112 20.96 -1.16 3.81
N GLY A 113 21.44 -0.13 3.12
CA GLY A 113 22.49 -0.26 2.11
C GLY A 113 22.10 -1.10 0.91
N LEU A 114 20.78 -1.31 0.69
CA LEU A 114 20.26 -2.10 -0.42
C LEU A 114 20.77 -3.54 -0.36
N GLU A 115 21.07 -4.04 0.84
CA GLU A 115 21.60 -5.39 0.98
C GLU A 115 20.67 -6.50 0.49
N ARG A 116 19.34 -6.23 0.40
CA ARG A 116 18.38 -7.21 -0.12
C ARG A 116 17.67 -6.72 -1.39
N ILE A 117 18.38 -5.89 -2.18
CA ILE A 117 17.84 -5.36 -3.44
C ILE A 117 17.59 -6.49 -4.45
N ASP A 118 18.45 -7.53 -4.47
CA ASP A 118 18.30 -8.66 -5.38
C ASP A 118 16.96 -9.35 -5.24
N TYR A 119 16.53 -9.62 -3.99
CA TYR A 119 15.21 -10.18 -3.76
C TYR A 119 14.12 -9.18 -4.16
N ARG A 120 14.31 -7.89 -3.83
CA ARG A 120 13.30 -6.87 -4.18
C ARG A 120 13.05 -6.82 -5.71
N MET A 121 14.12 -6.93 -6.51
CA MET A 121 14.01 -6.96 -7.98
C MET A 121 13.26 -8.21 -8.46
N GLN A 122 13.51 -9.39 -7.84
CA GLN A 122 12.81 -10.64 -8.20
C GLN A 122 11.33 -10.52 -7.78
N TRP A 123 11.07 -9.91 -6.61
CA TRP A 123 9.71 -9.65 -6.11
C TRP A 123 8.96 -8.76 -7.11
N GLU A 124 9.59 -7.66 -7.57
CA GLU A 124 8.94 -6.71 -8.47
C GLU A 124 8.54 -7.39 -9.78
N GLU A 125 9.43 -8.22 -10.32
CA GLU A 125 9.16 -8.96 -11.55
C GLU A 125 7.99 -9.94 -11.35
N ALA A 126 8.01 -10.73 -10.26
CA ALA A 126 6.98 -11.75 -10.00
C ALA A 126 5.61 -11.10 -9.80
N LEU A 127 5.55 -10.02 -9.00
CA LEU A 127 4.31 -9.30 -8.72
C LEU A 127 3.74 -8.66 -9.98
N LEU A 128 4.60 -8.02 -10.78
CA LEU A 128 4.14 -7.38 -12.03
C LEU A 128 3.50 -8.41 -12.95
N SER A 129 4.16 -9.57 -13.10
CA SER A 129 3.65 -10.66 -13.95
C SER A 129 2.27 -11.14 -13.48
N TYR A 130 2.10 -11.29 -12.14
CA TYR A 130 0.85 -11.70 -11.52
C TYR A 130 -0.23 -10.64 -11.77
N ILE A 131 0.11 -9.36 -11.55
CA ILE A 131 -0.84 -8.25 -11.78
C ILE A 131 -1.28 -8.23 -13.25
N LEU A 132 -0.34 -8.46 -14.17
CA LEU A 132 -0.63 -8.53 -15.61
C LEU A 132 -1.60 -9.67 -15.95
N GLU A 133 -1.52 -10.78 -15.19
CA GLU A 133 -2.44 -11.92 -15.40
C GLU A 133 -3.84 -11.53 -14.95
N LEU A 134 -3.96 -10.80 -13.81
CA LEU A 134 -5.23 -10.30 -13.30
C LEU A 134 -5.85 -9.32 -14.30
N ASP A 135 -5.03 -8.35 -14.77
CA ASP A 135 -5.39 -7.27 -15.69
C ASP A 135 -5.94 -7.78 -17.02
N GLN A 136 -5.48 -8.97 -17.46
CA GLN A 136 -5.97 -9.60 -18.70
C GLN A 136 -7.44 -10.03 -18.52
N LYS A 137 -7.87 -10.27 -17.26
CA LYS A 137 -9.22 -10.69 -16.93
C LYS A 137 -10.13 -9.49 -16.61
N LYS A 138 -9.73 -8.66 -15.63
CA LYS A 138 -10.51 -7.50 -15.18
C LYS A 138 -9.55 -6.38 -14.78
N PRO A 139 -9.97 -5.10 -14.82
CA PRO A 139 -9.07 -4.02 -14.35
C PRO A 139 -8.72 -4.21 -12.87
N VAL A 140 -7.57 -3.65 -12.48
CA VAL A 140 -6.98 -3.79 -11.15
C VAL A 140 -6.81 -2.46 -10.47
N ILE A 141 -7.14 -2.44 -9.17
CA ILE A 141 -6.88 -1.33 -8.26
C ILE A 141 -5.93 -1.96 -7.23
N LEU A 142 -4.70 -1.46 -7.17
CA LEU A 142 -3.70 -1.91 -6.23
C LEU A 142 -3.42 -0.76 -5.27
N CYS A 143 -3.24 -1.09 -4.00
CA CYS A 143 -2.83 -0.10 -3.02
C CYS A 143 -1.84 -0.69 -2.07
N GLY A 144 -1.11 0.18 -1.41
CA GLY A 144 -0.21 -0.26 -0.35
C GLY A 144 1.06 0.54 -0.24
N ASP A 145 1.92 0.03 0.61
CA ASP A 145 3.23 0.58 0.86
C ASP A 145 4.12 -0.14 -0.10
N LEU A 146 4.54 0.59 -1.14
CA LEU A 146 5.36 0.06 -2.22
C LEU A 146 6.84 0.28 -1.99
N ASN A 147 7.20 0.85 -0.82
CA ASN A 147 8.61 1.05 -0.42
C ASN A 147 9.43 1.66 -1.54
N VAL A 148 8.86 2.68 -2.18
CA VAL A 148 9.57 3.39 -3.25
C VAL A 148 9.02 4.78 -3.40
N ALA A 149 9.92 5.77 -3.52
CA ALA A 149 9.52 7.12 -3.82
C ALA A 149 9.92 7.21 -5.31
N HIS A 150 8.92 7.25 -6.19
CA HIS A 150 9.15 7.16 -7.62
C HIS A 150 10.08 8.20 -8.24
N GLN A 151 9.78 9.47 -8.01
CA GLN A 151 10.47 10.60 -8.64
C GLN A 151 11.11 11.45 -7.56
N GLU A 152 11.95 12.44 -7.96
CA GLU A 152 12.55 13.34 -6.98
C GLU A 152 11.49 14.14 -6.23
N ILE A 153 10.35 14.44 -6.88
CA ILE A 153 9.26 15.16 -6.21
C ILE A 153 8.58 14.35 -5.11
N ASP A 154 8.81 13.02 -5.08
CA ASP A 154 8.23 12.08 -4.10
C ASP A 154 8.88 12.01 -2.71
N LEU A 155 9.93 12.80 -2.47
CA LEU A 155 10.58 12.84 -1.14
C LEU A 155 11.25 14.17 -0.90
N LYS A 156 11.39 14.55 0.38
CA LYS A 156 11.99 15.85 0.71
C LYS A 156 13.43 16.01 0.24
N ASN A 157 14.26 14.99 0.50
CA ASN A 157 15.70 15.01 0.20
C ASN A 157 16.17 13.92 -0.78
N PRO A 158 15.79 14.01 -2.08
CA PRO A 158 16.20 12.99 -3.07
C PRO A 158 17.72 12.82 -3.18
N LYS A 159 18.49 13.92 -3.11
CA LYS A 159 19.95 13.91 -3.27
C LYS A 159 20.70 13.21 -2.12
N ALA A 160 20.05 13.02 -0.97
CA ALA A 160 20.66 12.36 0.19
C ALA A 160 20.24 10.88 0.26
N ASN A 161 19.43 10.42 -0.73
CA ASN A 161 18.87 9.07 -0.73
C ASN A 161 19.06 8.22 -1.98
N ARG A 162 19.90 8.65 -2.93
CA ARG A 162 20.13 7.88 -4.18
C ARG A 162 20.59 6.42 -3.94
N ASN A 163 21.32 6.19 -2.82
CA ASN A 163 21.88 4.89 -2.46
C ASN A 163 21.29 4.34 -1.17
N ASN A 164 20.04 4.75 -0.85
CA ASN A 164 19.31 4.29 0.32
C ASN A 164 18.05 3.54 -0.09
N ALA A 165 17.62 2.58 0.73
CA ALA A 165 16.39 1.81 0.45
C ALA A 165 15.21 2.76 0.28
N GLY A 166 14.47 2.55 -0.81
CA GLY A 166 13.29 3.34 -1.15
C GLY A 166 13.55 4.35 -2.25
N PHE A 167 14.82 4.66 -2.54
CA PHE A 167 15.14 5.65 -3.59
C PHE A 167 16.31 5.26 -4.51
N SER A 168 16.65 3.96 -4.58
CA SER A 168 17.71 3.50 -5.49
C SER A 168 17.19 3.54 -6.94
N ASP A 169 18.11 3.64 -7.91
CA ASP A 169 17.72 3.66 -9.31
C ASP A 169 16.96 2.39 -9.64
N GLN A 170 17.38 1.25 -9.06
CA GLN A 170 16.75 -0.05 -9.30
C GLN A 170 15.29 -0.06 -8.83
N GLU A 171 15.01 0.48 -7.64
CA GLU A 171 13.61 0.53 -7.15
C GLU A 171 12.77 1.49 -7.97
N ARG A 172 13.33 2.67 -8.30
CA ARG A 172 12.60 3.67 -9.10
C ARG A 172 12.26 3.13 -10.47
N GLU A 173 13.21 2.44 -11.11
CA GLU A 173 13.01 1.83 -12.44
C GLU A 173 11.97 0.70 -12.39
N ALA A 174 11.93 -0.07 -11.30
CA ALA A 174 10.93 -1.15 -11.22
C ALA A 174 9.51 -0.55 -11.14
N PHE A 175 9.34 0.59 -10.45
CA PHE A 175 8.04 1.25 -10.39
C PHE A 175 7.70 1.83 -11.78
N THR A 176 8.72 2.34 -12.50
CA THR A 176 8.53 2.84 -13.88
C THR A 176 8.03 1.69 -14.77
N ARG A 177 8.66 0.51 -14.69
CA ARG A 177 8.25 -0.67 -15.49
C ARG A 177 6.79 -1.04 -15.21
N PHE A 178 6.38 -0.96 -13.95
CA PHE A 178 5.01 -1.24 -13.53
C PHE A 178 4.05 -0.28 -14.25
N LEU A 179 4.26 1.05 -14.16
CA LEU A 179 3.39 2.00 -14.85
C LEU A 179 3.42 1.79 -16.38
N GLU A 180 4.61 1.56 -16.97
CA GLU A 180 4.76 1.36 -18.43
C GLU A 180 4.01 0.13 -18.92
N ALA A 181 3.77 -0.86 -18.02
CA ALA A 181 3.02 -2.08 -18.34
C ALA A 181 1.51 -1.80 -18.54
N GLY A 182 1.06 -0.58 -18.23
CA GLY A 182 -0.33 -0.16 -18.43
C GLY A 182 -1.02 0.21 -17.13
N PHE A 183 -0.31 0.95 -16.26
CA PHE A 183 -0.83 1.32 -14.95
C PHE A 183 -0.62 2.80 -14.65
N VAL A 184 -1.48 3.36 -13.78
CA VAL A 184 -1.49 4.79 -13.44
C VAL A 184 -1.35 5.01 -11.93
N ASP A 185 -0.44 5.90 -11.54
CA ASP A 185 -0.24 6.31 -10.14
C ASP A 185 -1.36 7.35 -9.91
N SER A 186 -2.46 6.94 -9.22
CA SER A 186 -3.66 7.77 -9.05
C SER A 186 -3.41 9.18 -8.49
N PHE A 187 -2.54 9.31 -7.47
CA PHE A 187 -2.22 10.63 -6.89
C PHE A 187 -1.56 11.53 -7.94
N ARG A 188 -0.61 10.98 -8.72
CA ARG A 188 0.06 11.77 -9.76
C ARG A 188 -0.80 12.08 -10.96
N HIS A 189 -1.85 11.29 -11.19
CA HIS A 189 -2.79 11.55 -12.28
C HIS A 189 -3.58 12.83 -11.92
N VAL A 190 -3.93 13.00 -10.65
CA VAL A 190 -4.67 14.17 -10.16
C VAL A 190 -3.70 15.34 -9.91
N TYR A 191 -2.50 15.05 -9.35
CA TYR A 191 -1.50 16.08 -8.99
C TYR A 191 -0.11 15.74 -9.58
N PRO A 192 0.10 15.93 -10.91
CA PRO A 192 1.40 15.52 -11.51
C PRO A 192 2.67 16.21 -11.01
N ASP A 193 2.55 17.46 -10.56
CA ASP A 193 3.69 18.29 -10.20
C ASP A 193 3.73 18.71 -8.73
N LEU A 194 2.72 18.33 -7.93
CA LEU A 194 2.64 18.76 -6.53
C LEU A 194 3.79 18.22 -5.68
N GLU A 195 4.57 19.15 -5.10
CA GLU A 195 5.69 18.81 -4.24
C GLU A 195 5.26 18.86 -2.77
N GLY A 196 6.02 18.19 -1.89
CA GLY A 196 5.76 18.18 -0.47
C GLY A 196 4.57 17.32 -0.05
N ALA A 197 4.08 16.44 -0.93
CA ALA A 197 2.96 15.55 -0.60
C ALA A 197 3.56 14.18 -0.25
N TYR A 198 3.59 13.86 1.06
CA TYR A 198 4.25 12.64 1.55
C TYR A 198 3.31 11.78 2.38
N SER A 199 3.61 10.48 2.49
CA SER A 199 2.79 9.54 3.25
C SER A 199 3.57 8.88 4.41
N TRP A 200 4.87 9.10 4.49
CA TRP A 200 5.72 8.57 5.56
C TRP A 200 6.69 9.64 5.99
N TRP A 201 6.98 9.71 7.31
CA TRP A 201 8.00 10.57 7.91
C TRP A 201 8.64 9.77 9.02
N SER A 202 9.93 10.06 9.33
CA SER A 202 10.58 9.44 10.48
C SER A 202 9.75 9.81 11.72
N TYR A 203 9.83 8.96 12.74
CA TYR A 203 9.23 9.24 14.04
C TYR A 203 10.11 10.22 14.85
N ARG A 204 11.37 10.47 14.39
CA ARG A 204 12.31 11.39 15.07
C ARG A 204 11.66 12.75 15.33
N ALA A 205 11.89 13.31 16.53
CA ALA A 205 11.32 14.60 16.96
C ALA A 205 11.51 15.66 15.88
N GLY A 206 10.41 16.27 15.47
CA GLY A 206 10.41 17.31 14.46
C GLY A 206 10.28 16.88 13.00
N ALA A 207 10.67 15.63 12.64
CA ALA A 207 10.66 15.22 11.22
C ALA A 207 9.29 15.37 10.55
N ARG A 208 8.23 14.85 11.17
CA ARG A 208 6.88 14.97 10.60
C ARG A 208 6.40 16.43 10.66
N ASP A 209 6.63 17.13 11.80
CA ASP A 209 6.26 18.54 11.96
C ASP A 209 6.88 19.39 10.83
N ARG A 210 8.14 19.12 10.46
CA ARG A 210 8.84 19.84 9.40
C ARG A 210 8.58 19.26 8.00
N ASN A 211 7.69 18.26 7.90
CA ASN A 211 7.32 17.60 6.65
C ASN A 211 8.52 16.96 5.91
N ILE A 212 9.46 16.34 6.64
CA ILE A 212 10.60 15.65 6.02
C ILE A 212 10.08 14.24 5.73
N GLY A 213 9.39 14.11 4.61
CA GLY A 213 8.78 12.83 4.29
C GLY A 213 9.06 12.29 2.92
N TRP A 214 8.40 11.17 2.66
CA TRP A 214 8.49 10.43 1.41
C TRP A 214 7.06 10.01 1.04
N ARG A 215 6.76 9.91 -0.26
CA ARG A 215 5.49 9.34 -0.69
C ARG A 215 5.81 7.93 -1.17
N ILE A 216 5.49 6.93 -0.33
CA ILE A 216 5.78 5.52 -0.65
C ILE A 216 4.52 4.66 -0.60
N ASP A 217 3.36 5.30 -0.35
CA ASP A 217 2.04 4.67 -0.30
C ASP A 217 1.27 5.15 -1.48
N TYR A 218 0.65 4.20 -2.21
CA TYR A 218 0.01 4.48 -3.47
C TYR A 218 -1.31 3.76 -3.68
N PHE A 219 -2.06 4.27 -4.67
CA PHE A 219 -3.18 3.59 -5.30
C PHE A 219 -2.79 3.61 -6.77
N VAL A 220 -2.48 2.43 -7.31
CA VAL A 220 -2.10 2.23 -8.71
C VAL A 220 -3.25 1.51 -9.39
N VAL A 221 -3.74 2.09 -10.50
CA VAL A 221 -4.89 1.52 -11.20
C VAL A 221 -4.54 1.12 -12.63
N SER A 222 -5.28 0.16 -13.20
CA SER A 222 -5.14 -0.18 -14.62
C SER A 222 -5.39 1.10 -15.41
N GLU A 223 -4.63 1.32 -16.52
CA GLU A 223 -4.79 2.53 -17.34
C GLU A 223 -6.25 2.77 -17.77
N SER A 224 -7.01 1.70 -18.05
CA SER A 224 -8.43 1.78 -18.46
C SER A 224 -9.34 2.46 -17.40
N LEU A 225 -8.92 2.46 -16.11
CA LEU A 225 -9.67 3.07 -15.00
C LEU A 225 -9.31 4.55 -14.77
N LYS A 226 -8.31 5.10 -15.51
CA LYS A 226 -7.80 6.48 -15.40
C LYS A 226 -8.93 7.52 -15.29
N GLU A 227 -9.88 7.47 -16.26
CA GLU A 227 -11.04 8.35 -16.38
C GLU A 227 -12.05 8.18 -15.24
N GLN A 228 -11.99 7.05 -14.50
CA GLN A 228 -12.89 6.75 -13.38
C GLN A 228 -12.45 7.38 -12.05
N ILE A 229 -11.19 7.87 -11.96
CA ILE A 229 -10.64 8.49 -10.74
C ILE A 229 -11.36 9.80 -10.45
N GLU A 230 -12.06 9.88 -9.32
CA GLU A 230 -12.76 11.09 -8.91
C GLU A 230 -11.81 11.96 -8.08
N ASP A 231 -11.11 11.34 -7.12
CA ASP A 231 -10.16 12.01 -6.24
C ASP A 231 -9.11 11.02 -5.72
N ALA A 232 -7.92 11.54 -5.42
CA ALA A 232 -6.80 10.79 -4.87
C ALA A 232 -6.20 11.71 -3.84
N SER A 233 -5.95 11.20 -2.63
CA SER A 233 -5.46 12.07 -1.57
C SER A 233 -4.54 11.40 -0.58
N ILE A 234 -3.90 12.23 0.28
CA ILE A 234 -3.00 11.78 1.32
C ILE A 234 -3.51 12.42 2.61
N SER A 235 -3.91 11.59 3.56
CA SER A 235 -4.53 12.01 4.80
C SER A 235 -3.50 12.30 5.88
N ALA A 236 -2.66 13.33 5.66
CA ALA A 236 -1.53 13.72 6.53
C ALA A 236 -1.90 14.07 7.97
N ASP A 237 -3.17 14.45 8.22
CA ASP A 237 -3.65 14.81 9.56
C ASP A 237 -3.87 13.57 10.45
N VAL A 238 -4.01 12.37 9.84
CA VAL A 238 -4.28 11.14 10.60
C VAL A 238 -3.01 10.61 11.30
N MET A 239 -3.03 10.61 12.64
CA MET A 239 -1.92 10.15 13.47
C MET A 239 -2.11 8.69 13.90
N GLY A 240 -1.04 8.06 14.38
CA GLY A 240 -1.08 6.70 14.91
C GLY A 240 0.02 5.79 14.42
N SER A 241 0.60 6.13 13.25
CA SER A 241 1.66 5.34 12.63
C SER A 241 2.74 6.29 12.11
N ASP A 242 3.85 5.75 11.60
CA ASP A 242 4.87 6.58 10.95
C ASP A 242 4.40 7.00 9.55
N HIS A 243 3.46 6.23 8.95
CA HIS A 243 2.82 6.58 7.68
C HIS A 243 1.46 7.20 8.02
N CYS A 244 0.87 7.92 7.06
CA CYS A 244 -0.50 8.37 7.19
C CYS A 244 -1.29 7.60 6.11
N PRO A 245 -2.64 7.55 6.18
CA PRO A 245 -3.40 6.83 5.15
C PRO A 245 -3.35 7.56 3.81
N VAL A 246 -3.55 6.81 2.75
CA VAL A 246 -3.73 7.34 1.39
C VAL A 246 -5.16 6.93 0.96
N GLU A 247 -5.83 7.74 0.13
CA GLU A 247 -7.21 7.44 -0.25
C GLU A 247 -7.46 7.60 -1.73
N LEU A 248 -8.52 6.92 -2.21
CA LEU A 248 -8.92 6.98 -3.61
C LEU A 248 -10.44 6.93 -3.68
N ILE A 249 -11.03 7.81 -4.50
CA ILE A 249 -12.45 7.82 -4.88
C ILE A 249 -12.43 7.48 -6.35
N ILE A 250 -13.03 6.33 -6.71
CA ILE A 250 -13.06 5.84 -8.08
C ILE A 250 -14.45 5.26 -8.41
N ASN A 251 -14.91 5.44 -9.66
CA ASN A 251 -16.20 4.88 -10.10
C ASN A 251 -16.08 3.51 -10.77
N ILE A 252 -16.27 2.42 -9.99
CA ILE A 252 -16.32 0.98 -10.37
C ILE A 252 -16.94 0.18 -9.23
CA CA B . 7.24 -0.27 9.96
C1 PEG C . -6.01 -14.73 -11.71
O1 PEG C . -6.50 -14.87 -10.39
C2 PEG C . -4.60 -15.21 -11.86
O2 PEG C . -4.34 -15.55 -13.22
C3 PEG C . -4.35 -16.95 -13.47
C4 PEG C . -4.59 -17.21 -14.92
O4 PEG C . -5.78 -17.97 -15.12
C1 PEG D . -2.36 -17.81 -5.37
O1 PEG D . -1.94 -18.70 -4.32
C2 PEG D . -3.42 -18.47 -6.20
O2 PEG D . -3.75 -17.69 -7.34
C3 PEG D . -4.69 -18.33 -8.20
C4 PEG D . -6.09 -17.91 -7.84
O4 PEG D . -7.00 -19.01 -7.91
C1 PEG E . 10.69 3.22 7.21
O1 PEG E . 11.48 2.04 7.06
C2 PEG E . 10.34 3.80 5.88
O2 PEG E . 11.51 4.32 5.27
C3 PEG E . 11.24 5.07 4.10
C4 PEG E . 12.49 5.15 3.27
O4 PEG E . 12.92 3.87 2.79
CA CA F . -23.15 -6.53 -13.59
CA CA G . 11.42 20.82 -7.23
#